data_6ZR0
#
_entry.id   6ZR0
#
_cell.length_a   119.219
_cell.length_b   119.219
_cell.length_c   44.180
_cell.angle_alpha   90.000
_cell.angle_beta   90.000
_cell.angle_gamma   90.000
#
_symmetry.space_group_name_H-M   'P 4'
#
loop_
_entity.id
_entity.type
_entity.pdbx_description
1 polymer 'Fibrinogen C domain-containing protein 1'
2 branched alpha-L-fucopyranose-(1-3)-2-acetamido-2-deoxy-beta-D-glucopyranose
3 non-polymer 'CALCIUM ION'
4 non-polymer 'SULFATE ION'
5 non-polymer GLYCEROL
6 non-polymer 'ACETIC ACID'
7 non-polymer N-ACETYLALANINE
8 water water
#
_entity_poly.entity_id   1
_entity_poly.type   'polypeptide(L)'
_entity_poly.pdbx_seq_one_letter_code
;ATGSRPRDCLDVLLSGQQDDGVYSVFPTHYPAGFQVYCDMRTDGGGWTVFQRREDGSVNFFRGWDAYRDGFGRLTGEHWL
GLKRIHALTTQAAYELHVDLEDFENGTAYARYGSFGVGLFSVDPEEDGYPLTVADYSGTAGDSLLKHSGMRFTTKDRDSD
HSENNCAAFYRGAWWYRNCHTSNLNGQYLRGAHASYADGVEWSSWTGWQYSLKFSEMKIRPVREDR
;
_entity_poly.pdbx_strand_id   A,B
#
# COMPACT_ATOMS: atom_id res chain seq x y z
N ARG A 5 11.37 -29.80 -10.07
CA ARG A 5 10.03 -30.12 -9.49
C ARG A 5 9.77 -29.25 -8.27
N PRO A 6 9.52 -27.92 -8.46
CA PRO A 6 9.11 -27.06 -7.35
C PRO A 6 7.76 -27.49 -6.76
N ARG A 7 7.63 -27.46 -5.44
CA ARG A 7 6.42 -27.91 -4.69
C ARG A 7 5.40 -26.77 -4.60
N ASP A 8 5.85 -25.52 -4.78
CA ASP A 8 5.00 -24.31 -4.69
C ASP A 8 5.74 -23.12 -5.33
N CYS A 9 5.15 -21.93 -5.26
CA CYS A 9 5.66 -20.70 -5.92
C CYS A 9 6.92 -20.15 -5.23
N LEU A 10 7.15 -20.48 -3.96
CA LEU A 10 8.39 -20.09 -3.24
C LEU A 10 9.57 -20.87 -3.84
N ASP A 11 9.41 -22.17 -4.07
CA ASP A 11 10.41 -23.03 -4.76
C ASP A 11 10.71 -22.43 -6.15
N VAL A 12 9.67 -22.02 -6.88
CA VAL A 12 9.79 -21.39 -8.23
C VAL A 12 10.67 -20.14 -8.11
N LEU A 13 10.38 -19.28 -7.12
CA LEU A 13 11.12 -18.01 -6.88
C LEU A 13 12.58 -18.32 -6.54
N LEU A 14 12.81 -19.21 -5.57
CA LEU A 14 14.17 -19.56 -5.06
C LEU A 14 15.00 -20.23 -6.16
N SER A 15 14.36 -20.81 -7.18
CA SER A 15 15.03 -21.43 -8.36
C SER A 15 15.50 -20.34 -9.34
N GLY A 16 15.02 -19.09 -9.19
CA GLY A 16 15.50 -17.92 -9.95
C GLY A 16 14.46 -17.32 -10.88
N GLN A 17 13.19 -17.76 -10.78
CA GLN A 17 12.05 -17.20 -11.55
C GLN A 17 11.42 -16.05 -10.74
N GLN A 18 11.69 -14.79 -11.13
CA GLN A 18 11.35 -13.58 -10.34
C GLN A 18 10.08 -12.91 -10.88
N ASP A 19 9.59 -13.30 -12.05
CA ASP A 19 8.42 -12.66 -12.72
C ASP A 19 7.12 -13.28 -12.20
N ASP A 20 6.12 -12.44 -11.91
CA ASP A 20 4.71 -12.85 -11.72
C ASP A 20 4.25 -13.61 -12.96
N GLY A 21 3.40 -14.64 -12.79
CA GLY A 21 2.82 -15.39 -13.91
C GLY A 21 2.48 -16.81 -13.53
N VAL A 22 2.18 -17.64 -14.54
CA VAL A 22 1.73 -19.05 -14.40
C VAL A 22 2.96 -19.97 -14.43
N TYR A 23 3.08 -20.86 -13.46
CA TYR A 23 4.19 -21.85 -13.34
C TYR A 23 3.62 -23.21 -12.94
N SER A 24 4.35 -24.28 -13.27
CA SER A 24 4.06 -25.68 -12.86
C SER A 24 4.63 -25.93 -11.47
N VAL A 25 3.80 -26.45 -10.55
CA VAL A 25 4.21 -26.88 -9.19
C VAL A 25 3.79 -28.35 -9.02
N PHE A 26 4.49 -29.07 -8.13
CA PHE A 26 4.38 -30.55 -7.96
C PHE A 26 4.32 -30.88 -6.48
N PRO A 27 3.14 -30.70 -5.82
CA PRO A 27 3.01 -31.01 -4.39
C PRO A 27 3.32 -32.47 -4.06
N THR A 28 3.78 -32.73 -2.83
CA THR A 28 4.25 -34.05 -2.33
C THR A 28 3.26 -35.15 -2.74
N HIS A 29 1.96 -34.98 -2.46
CA HIS A 29 0.90 -36.00 -2.67
C HIS A 29 0.06 -35.69 -3.91
N TYR A 30 0.58 -34.85 -4.81
CA TYR A 30 -0.03 -34.51 -6.12
C TYR A 30 1.08 -34.49 -7.16
N PRO A 31 1.77 -35.63 -7.37
CA PRO A 31 3.02 -35.67 -8.14
C PRO A 31 2.86 -35.34 -9.64
N ALA A 32 1.66 -35.56 -10.20
CA ALA A 32 1.30 -35.14 -11.57
C ALA A 32 1.51 -33.63 -11.69
N GLY A 33 1.24 -32.90 -10.60
CA GLY A 33 1.38 -31.43 -10.53
C GLY A 33 0.28 -30.72 -11.28
N PHE A 34 0.31 -29.39 -11.26
CA PHE A 34 -0.69 -28.52 -11.92
C PHE A 34 -0.09 -27.11 -12.03
N GLN A 35 -0.74 -26.25 -12.82
CA GLN A 35 -0.31 -24.84 -13.02
C GLN A 35 -1.01 -23.96 -11.98
N VAL A 36 -0.30 -22.96 -11.49
CA VAL A 36 -0.79 -21.95 -10.50
C VAL A 36 -0.32 -20.58 -10.95
N TYR A 37 -0.96 -19.51 -10.47
CA TYR A 37 -0.43 -18.13 -10.60
C TYR A 37 0.45 -17.85 -9.37
N CYS A 38 1.69 -17.44 -9.61
CA CYS A 38 2.68 -17.06 -8.58
C CYS A 38 2.76 -15.54 -8.47
N ASP A 39 2.60 -15.02 -7.24
CA ASP A 39 2.84 -13.59 -6.89
C ASP A 39 4.27 -13.50 -6.34
N MET A 40 5.18 -12.91 -7.12
CA MET A 40 6.65 -12.84 -6.82
C MET A 40 7.04 -11.45 -6.32
N ARG A 41 6.07 -10.62 -5.92
CA ARG A 41 6.30 -9.21 -5.51
C ARG A 41 5.94 -8.99 -4.04
N THR A 42 4.77 -9.49 -3.59
CA THR A 42 4.22 -9.25 -2.23
C THR A 42 5.20 -9.75 -1.17
N ASP A 43 5.69 -8.85 -0.30
CA ASP A 43 6.54 -9.14 0.88
C ASP A 43 7.68 -10.11 0.50
N GLY A 44 8.39 -9.83 -0.60
CA GLY A 44 9.54 -10.63 -1.07
C GLY A 44 9.15 -11.65 -2.12
N GLY A 45 7.86 -11.98 -2.24
CA GLY A 45 7.33 -12.89 -3.28
C GLY A 45 7.30 -14.34 -2.82
N GLY A 46 6.85 -15.24 -3.71
CA GLY A 46 6.80 -16.70 -3.48
C GLY A 46 5.42 -17.16 -3.03
N TRP A 47 4.37 -16.40 -3.36
CA TRP A 47 2.96 -16.68 -2.96
C TRP A 47 2.27 -17.49 -4.06
N THR A 48 1.61 -18.59 -3.70
CA THR A 48 0.75 -19.41 -4.60
C THR A 48 -0.70 -18.94 -4.45
N VAL A 49 -1.24 -18.31 -5.49
CA VAL A 49 -2.65 -17.81 -5.54
C VAL A 49 -3.58 -19.02 -5.64
N PHE A 50 -4.70 -19.02 -4.92
CA PHE A 50 -5.76 -20.06 -5.03
C PHE A 50 -7.15 -19.42 -5.21
N GLN A 51 -7.28 -18.10 -5.07
CA GLN A 51 -8.56 -17.36 -5.32
C GLN A 51 -8.24 -15.97 -5.84
N ARG A 52 -9.01 -15.50 -6.84
CA ARG A 52 -8.98 -14.10 -7.33
C ARG A 52 -10.38 -13.68 -7.80
N ARG A 53 -10.84 -12.52 -7.34
CA ARG A 53 -11.99 -11.75 -7.91
C ARG A 53 -11.44 -10.42 -8.40
N GLU A 54 -11.93 -9.90 -9.53
CA GLU A 54 -11.43 -8.60 -10.09
C GLU A 54 -12.45 -7.91 -11.01
N ASP A 55 -13.44 -8.62 -11.59
CA ASP A 55 -14.35 -8.00 -12.60
C ASP A 55 -15.71 -8.70 -12.70
N GLY A 56 -16.00 -9.72 -11.88
CA GLY A 56 -17.28 -10.46 -11.90
C GLY A 56 -17.54 -11.17 -13.22
N SER A 57 -16.48 -11.54 -13.96
CA SER A 57 -16.55 -12.22 -15.28
C SER A 57 -16.85 -13.71 -15.12
N VAL A 58 -16.49 -14.30 -13.97
CA VAL A 58 -16.63 -15.75 -13.68
C VAL A 58 -17.72 -15.93 -12.62
N ASN A 59 -18.59 -16.93 -12.81
CA ASN A 59 -19.65 -17.33 -11.85
C ASN A 59 -19.00 -18.11 -10.70
N PHE A 60 -19.12 -17.61 -9.46
CA PHE A 60 -18.57 -18.24 -8.24
C PHE A 60 -19.67 -18.96 -7.45
N PHE A 61 -20.94 -18.81 -7.84
CA PHE A 61 -22.07 -19.54 -7.20
C PHE A 61 -22.15 -20.93 -7.82
N ARG A 62 -21.14 -21.75 -7.55
CA ARG A 62 -20.92 -23.10 -8.12
C ARG A 62 -21.12 -24.15 -7.03
N GLY A 63 -21.30 -25.41 -7.43
CA GLY A 63 -21.56 -26.55 -6.52
C GLY A 63 -20.26 -27.17 -6.00
N TRP A 64 -20.40 -28.27 -5.25
CA TRP A 64 -19.31 -28.96 -4.53
C TRP A 64 -18.17 -29.36 -5.48
N ASP A 65 -18.52 -30.01 -6.60
CA ASP A 65 -17.53 -30.58 -7.57
C ASP A 65 -16.66 -29.46 -8.13
N ALA A 66 -17.26 -28.30 -8.43
CA ALA A 66 -16.56 -27.11 -8.98
C ALA A 66 -15.55 -26.58 -7.95
N TYR A 67 -15.92 -26.53 -6.67
CA TYR A 67 -15.06 -26.00 -5.58
C TYR A 67 -14.01 -27.03 -5.18
N ARG A 68 -14.26 -28.32 -5.43
CA ARG A 68 -13.26 -29.40 -5.27
C ARG A 68 -12.21 -29.28 -6.38
N ASP A 69 -12.65 -29.20 -7.64
CA ASP A 69 -11.80 -29.40 -8.84
C ASP A 69 -11.26 -28.06 -9.34
N GLY A 70 -11.91 -26.94 -9.01
CA GLY A 70 -11.48 -25.58 -9.40
C GLY A 70 -12.17 -25.12 -10.67
N PHE A 71 -12.17 -23.81 -10.92
CA PHE A 71 -12.84 -23.17 -12.09
C PHE A 71 -12.20 -21.80 -12.35
N GLY A 72 -12.57 -21.18 -13.48
CA GLY A 72 -12.00 -19.90 -13.95
C GLY A 72 -10.65 -20.10 -14.59
N ARG A 73 -9.89 -19.01 -14.76
CA ARG A 73 -8.57 -19.01 -15.44
C ARG A 73 -7.53 -18.37 -14.53
N LEU A 74 -6.30 -18.91 -14.55
CA LEU A 74 -5.18 -18.56 -13.63
C LEU A 74 -4.78 -17.09 -13.84
N THR A 75 -4.99 -16.56 -15.05
CA THR A 75 -4.63 -15.18 -15.47
C THR A 75 -5.74 -14.18 -15.12
N GLY A 76 -6.90 -14.67 -14.65
CA GLY A 76 -8.05 -13.83 -14.26
C GLY A 76 -8.71 -14.33 -13.00
N GLU A 77 -10.04 -14.19 -12.91
CA GLU A 77 -10.86 -14.70 -11.78
C GLU A 77 -10.81 -16.23 -11.80
N HIS A 78 -10.54 -16.85 -10.65
CA HIS A 78 -10.47 -18.34 -10.54
C HIS A 78 -10.55 -18.78 -9.08
N TRP A 79 -10.86 -20.06 -8.91
CA TRP A 79 -10.72 -20.85 -7.66
C TRP A 79 -9.89 -22.09 -7.98
N LEU A 80 -8.73 -22.25 -7.35
CA LEU A 80 -7.73 -23.28 -7.72
C LEU A 80 -8.32 -24.68 -7.50
N GLY A 81 -9.23 -24.82 -6.53
CA GLY A 81 -9.87 -26.10 -6.17
C GLY A 81 -9.34 -26.62 -4.85
N LEU A 82 -10.23 -27.10 -3.98
CA LEU A 82 -9.90 -27.52 -2.59
C LEU A 82 -8.95 -28.73 -2.59
N LYS A 83 -9.06 -29.61 -3.60
CA LYS A 83 -8.14 -30.79 -3.72
C LYS A 83 -6.70 -30.28 -3.87
N ARG A 84 -6.49 -29.22 -4.65
CA ARG A 84 -5.16 -28.60 -4.88
C ARG A 84 -4.71 -27.83 -3.63
N ILE A 85 -5.61 -27.08 -3.01
CA ILE A 85 -5.31 -26.25 -1.79
C ILE A 85 -4.91 -27.21 -0.66
N HIS A 86 -5.60 -28.34 -0.53
CA HIS A 86 -5.27 -29.43 0.42
C HIS A 86 -3.85 -29.96 0.14
N ALA A 87 -3.57 -30.34 -1.10
CA ALA A 87 -2.27 -30.90 -1.55
C ALA A 87 -1.13 -29.93 -1.20
N LEU A 88 -1.37 -28.63 -1.40
CA LEU A 88 -0.36 -27.56 -1.12
C LEU A 88 -0.15 -27.42 0.38
N THR A 89 -1.22 -27.20 1.16
CA THR A 89 -1.14 -26.74 2.58
C THR A 89 -0.76 -27.89 3.53
N THR A 90 -0.81 -29.15 3.09
CA THR A 90 -0.49 -30.34 3.93
C THR A 90 0.99 -30.73 3.80
N GLN A 91 1.72 -30.18 2.81
CA GLN A 91 3.12 -30.58 2.50
C GLN A 91 4.12 -29.74 3.31
N ALA A 92 3.66 -28.64 3.91
CA ALA A 92 4.45 -27.76 4.80
C ALA A 92 3.51 -26.84 5.59
N ALA A 93 4.07 -26.03 6.50
CA ALA A 93 3.33 -25.03 7.30
C ALA A 93 3.27 -23.72 6.50
N TYR A 94 2.08 -23.33 6.03
CA TYR A 94 1.84 -22.16 5.16
C TYR A 94 1.19 -21.02 5.94
N GLU A 95 1.49 -19.79 5.53
CA GLU A 95 0.76 -18.56 5.94
C GLU A 95 -0.18 -18.16 4.80
N LEU A 96 -1.28 -17.47 5.13
CA LEU A 96 -2.26 -16.95 4.14
C LEU A 96 -2.13 -15.43 4.05
N HIS A 97 -2.07 -14.90 2.83
CA HIS A 97 -2.17 -13.45 2.53
C HIS A 97 -3.44 -13.20 1.72
N VAL A 98 -4.30 -12.29 2.20
CA VAL A 98 -5.55 -11.86 1.52
C VAL A 98 -5.40 -10.38 1.15
N ASP A 99 -5.34 -10.08 -0.15
CA ASP A 99 -5.34 -8.69 -0.69
C ASP A 99 -6.77 -8.33 -1.08
N LEU A 100 -7.23 -7.14 -0.68
CA LEU A 100 -8.60 -6.61 -0.95
C LEU A 100 -8.48 -5.23 -1.58
N GLU A 101 -9.43 -4.86 -2.44
CA GLU A 101 -9.58 -3.51 -3.04
C GLU A 101 -11.06 -3.17 -3.14
N ASP A 102 -11.44 -1.93 -2.78
CA ASP A 102 -12.83 -1.41 -2.92
C ASP A 102 -12.93 -0.69 -4.28
N PHE A 103 -14.09 -0.12 -4.59
CA PHE A 103 -14.37 0.55 -5.89
C PHE A 103 -13.98 2.04 -5.84
N GLU A 104 -13.33 2.46 -4.75
CA GLU A 104 -12.75 3.83 -4.58
C GLU A 104 -11.22 3.74 -4.63
N ASN A 105 -10.67 2.67 -5.20
CA ASN A 105 -9.21 2.41 -5.40
C ASN A 105 -8.50 2.23 -4.04
N GLY A 106 -9.25 2.10 -2.94
CA GLY A 106 -8.69 1.77 -1.62
C GLY A 106 -8.26 0.32 -1.55
N THR A 107 -7.16 0.02 -0.88
CA THR A 107 -6.60 -1.35 -0.70
C THR A 107 -6.36 -1.63 0.78
N ALA A 108 -6.42 -2.90 1.17
CA ALA A 108 -6.08 -3.42 2.51
C ALA A 108 -5.68 -4.90 2.37
N TYR A 109 -5.09 -5.48 3.43
CA TYR A 109 -4.65 -6.90 3.43
C TYR A 109 -4.85 -7.51 4.82
N ALA A 110 -5.03 -8.82 4.85
CA ALA A 110 -5.04 -9.67 6.07
C ALA A 110 -3.97 -10.75 5.92
N ARG A 111 -3.07 -10.87 6.90
CA ARG A 111 -2.03 -11.93 6.97
C ARG A 111 -2.39 -12.89 8.10
N TYR A 112 -2.33 -14.19 7.83
CA TYR A 112 -2.54 -15.28 8.82
C TYR A 112 -1.28 -16.16 8.84
N GLY A 113 -0.62 -16.26 9.99
CA GLY A 113 0.66 -16.98 10.18
C GLY A 113 0.50 -18.48 9.98
N SER A 114 -0.72 -19.00 10.17
CA SER A 114 -1.07 -20.43 9.93
C SER A 114 -2.33 -20.51 9.07
N PHE A 115 -2.28 -21.32 8.00
CA PHE A 115 -3.43 -21.61 7.11
C PHE A 115 -3.31 -23.05 6.58
N GLY A 116 -4.43 -23.78 6.61
CA GLY A 116 -4.51 -25.17 6.12
C GLY A 116 -5.94 -25.56 5.81
N VAL A 117 -6.12 -26.56 4.95
CA VAL A 117 -7.43 -27.11 4.51
C VAL A 117 -7.36 -28.64 4.61
N GLY A 118 -8.17 -29.23 5.49
CA GLY A 118 -8.25 -30.69 5.74
C GLY A 118 -6.90 -31.27 6.13
N LEU A 119 -6.15 -30.58 6.98
CA LEU A 119 -4.71 -30.86 7.28
C LEU A 119 -4.53 -32.30 7.80
N PHE A 120 -5.49 -32.83 8.57
CA PHE A 120 -5.39 -34.15 9.24
C PHE A 120 -6.54 -35.07 8.80
N SER A 121 -7.34 -34.67 7.81
CA SER A 121 -8.47 -35.45 7.25
C SER A 121 -7.92 -36.64 6.45
N VAL A 122 -8.37 -37.85 6.77
CA VAL A 122 -8.02 -39.09 6.03
C VAL A 122 -8.53 -38.95 4.60
N ASP A 123 -9.79 -38.53 4.45
CA ASP A 123 -10.43 -38.15 3.17
C ASP A 123 -10.92 -36.70 3.29
N PRO A 124 -10.11 -35.71 2.86
CA PRO A 124 -10.46 -34.29 3.04
C PRO A 124 -11.79 -33.90 2.36
N GLU A 125 -12.16 -34.57 1.27
CA GLU A 125 -13.45 -34.32 0.57
C GLU A 125 -14.61 -34.77 1.47
N GLU A 126 -14.59 -36.02 1.93
CA GLU A 126 -15.56 -36.59 2.91
C GLU A 126 -15.66 -35.63 4.10
N ASP A 127 -14.51 -35.22 4.65
CA ASP A 127 -14.40 -34.42 5.90
C ASP A 127 -14.75 -32.95 5.63
N GLY A 128 -14.95 -32.56 4.37
CA GLY A 128 -15.45 -31.23 3.98
C GLY A 128 -14.38 -30.15 4.03
N TYR A 129 -13.11 -30.52 3.84
CA TYR A 129 -11.95 -29.59 3.71
C TYR A 129 -11.96 -28.57 4.84
N PRO A 130 -11.95 -29.02 6.13
CA PRO A 130 -12.06 -28.09 7.26
C PRO A 130 -10.92 -27.06 7.32
N LEU A 131 -11.24 -25.82 7.69
CA LEU A 131 -10.28 -24.67 7.70
C LEU A 131 -9.45 -24.71 8.99
N THR A 132 -8.14 -24.60 8.85
CA THR A 132 -7.17 -24.23 9.92
C THR A 132 -6.65 -22.83 9.60
N VAL A 133 -6.83 -21.87 10.51
CA VAL A 133 -6.35 -20.47 10.34
C VAL A 133 -6.12 -19.84 11.73
N ALA A 134 -5.02 -19.11 11.89
CA ALA A 134 -4.59 -18.49 13.16
C ALA A 134 -3.60 -17.35 12.89
N ASP A 135 -3.41 -16.47 13.89
CA ASP A 135 -2.34 -15.44 13.96
C ASP A 135 -2.58 -14.37 12.89
N TYR A 136 -3.59 -13.51 13.10
CA TYR A 136 -3.92 -12.39 12.18
C TYR A 136 -2.95 -11.22 12.38
N SER A 137 -2.66 -10.49 11.29
CA SER A 137 -2.07 -9.14 11.26
C SER A 137 -2.41 -8.47 9.92
N GLY A 138 -2.45 -7.14 9.88
CA GLY A 138 -2.65 -6.37 8.64
C GLY A 138 -3.51 -5.14 8.82
N THR A 139 -4.12 -4.66 7.72
CA THR A 139 -4.87 -3.37 7.63
C THR A 139 -6.37 -3.63 7.44
N ALA A 140 -6.76 -4.76 6.85
CA ALA A 140 -8.16 -5.10 6.49
C ALA A 140 -8.97 -5.48 7.74
N GLY A 141 -8.31 -5.81 8.85
CA GLY A 141 -8.95 -6.40 10.03
C GLY A 141 -9.12 -7.90 9.84
N ASP A 142 -9.49 -8.62 10.91
CA ASP A 142 -9.71 -10.09 10.88
C ASP A 142 -11.17 -10.39 10.58
N SER A 143 -11.44 -11.20 9.55
CA SER A 143 -12.80 -11.68 9.18
C SER A 143 -12.78 -13.20 8.92
N LEU A 144 -11.74 -13.93 9.37
CA LEU A 144 -11.58 -15.37 9.04
C LEU A 144 -11.42 -16.25 10.29
N LEU A 145 -10.88 -15.74 11.41
CA LEU A 145 -10.54 -16.58 12.60
C LEU A 145 -11.80 -17.26 13.17
N LYS A 146 -12.97 -16.63 13.06
CA LYS A 146 -14.27 -17.19 13.51
C LYS A 146 -14.64 -18.42 12.68
N HIS A 147 -14.08 -18.54 11.46
CA HIS A 147 -14.33 -19.65 10.51
C HIS A 147 -13.42 -20.85 10.78
N SER A 148 -12.39 -20.67 11.61
CA SER A 148 -11.40 -21.74 11.94
C SER A 148 -12.14 -22.96 12.49
N GLY A 149 -11.86 -24.14 11.94
CA GLY A 149 -12.45 -25.42 12.37
C GLY A 149 -13.70 -25.81 11.59
N MET A 150 -14.25 -24.88 10.79
CA MET A 150 -15.52 -25.11 10.02
C MET A 150 -15.20 -25.85 8.72
N ARG A 151 -16.09 -26.77 8.32
CA ARG A 151 -16.05 -27.48 7.02
C ARG A 151 -16.49 -26.50 5.92
N PHE A 152 -16.10 -26.77 4.68
CA PHE A 152 -16.50 -25.99 3.48
C PHE A 152 -17.91 -26.38 3.07
N THR A 153 -18.78 -25.40 2.86
CA THR A 153 -20.22 -25.57 2.51
C THR A 153 -20.50 -24.91 1.15
N THR A 154 -21.16 -25.64 0.25
CA THR A 154 -21.67 -25.16 -1.06
C THR A 154 -23.19 -25.27 -1.06
N LYS A 155 -23.84 -24.72 -2.08
CA LYS A 155 -25.32 -24.69 -2.24
C LYS A 155 -25.90 -26.12 -2.27
N ASP A 156 -25.10 -27.11 -2.68
CA ASP A 156 -25.55 -28.52 -2.86
C ASP A 156 -24.84 -29.47 -1.88
N ARG A 157 -24.17 -28.94 -0.85
CA ARG A 157 -23.52 -29.76 0.23
C ARG A 157 -23.36 -28.91 1.49
N ASP A 158 -24.23 -29.15 2.48
CA ASP A 158 -24.37 -28.33 3.72
C ASP A 158 -23.65 -29.02 4.88
N SER A 159 -22.61 -28.37 5.43
CA SER A 159 -21.82 -28.83 6.61
C SER A 159 -21.60 -27.68 7.59
N ASP A 160 -22.48 -26.68 7.60
CA ASP A 160 -22.38 -25.46 8.44
C ASP A 160 -23.16 -25.68 9.75
N HIS A 161 -23.16 -24.68 10.64
CA HIS A 161 -23.84 -24.70 11.96
C HIS A 161 -25.14 -23.87 11.92
N SER A 162 -25.73 -23.69 10.73
CA SER A 162 -27.03 -23.03 10.51
C SER A 162 -28.11 -24.10 10.28
N GLU A 163 -29.37 -23.78 10.57
CA GLU A 163 -30.54 -24.66 10.31
C GLU A 163 -30.86 -24.66 8.80
N ASN A 164 -30.48 -23.59 8.09
CA ASN A 164 -30.56 -23.48 6.61
C ASN A 164 -29.16 -23.66 6.02
N ASN A 165 -29.03 -23.50 4.69
CA ASN A 165 -27.74 -23.60 3.95
C ASN A 165 -27.18 -22.18 3.78
N CYS A 166 -26.09 -21.85 4.48
CA CYS A 166 -25.41 -20.53 4.48
C CYS A 166 -24.97 -20.17 3.05
N ALA A 167 -24.45 -21.14 2.29
CA ALA A 167 -23.94 -20.97 0.91
C ALA A 167 -25.11 -20.56 -0.01
N ALA A 168 -26.26 -21.22 0.12
CA ALA A 168 -27.49 -20.93 -0.64
C ALA A 168 -28.00 -19.52 -0.29
N PHE A 169 -28.07 -19.21 1.00
CA PHE A 169 -28.67 -17.97 1.56
C PHE A 169 -27.81 -16.75 1.18
N TYR A 170 -26.48 -16.87 1.29
CA TYR A 170 -25.51 -15.77 1.06
C TYR A 170 -24.79 -15.97 -0.28
N ARG A 171 -25.35 -16.82 -1.16
CA ARG A 171 -25.00 -16.95 -2.60
C ARG A 171 -23.48 -17.03 -2.77
N GLY A 172 -22.83 -17.92 -2.03
CA GLY A 172 -21.36 -18.12 -2.09
C GLY A 172 -20.96 -19.55 -1.80
N ALA A 173 -19.72 -19.74 -1.36
CA ALA A 173 -19.12 -21.03 -0.94
C ALA A 173 -17.94 -20.71 -0.02
N TRP A 174 -17.95 -21.23 1.21
CA TRP A 174 -17.04 -20.77 2.29
C TRP A 174 -17.05 -21.77 3.44
N TRP A 175 -16.14 -21.59 4.40
CA TRP A 175 -16.08 -22.38 5.66
C TRP A 175 -17.09 -21.78 6.65
N TYR A 176 -18.37 -21.79 6.27
CA TYR A 176 -19.50 -21.11 6.96
C TYR A 176 -19.68 -21.69 8.36
N ARG A 177 -19.95 -20.83 9.34
CA ARG A 177 -20.40 -21.21 10.72
C ARG A 177 -21.91 -20.95 10.81
N ASN A 178 -22.31 -19.72 11.15
CA ASN A 178 -23.75 -19.35 11.35
C ASN A 178 -23.90 -17.82 11.27
N CYS A 179 -23.54 -17.22 10.12
CA CYS A 179 -23.04 -17.91 8.95
C CYS A 179 -21.59 -17.48 8.66
N HIS A 180 -21.31 -16.17 8.56
CA HIS A 180 -19.95 -15.68 8.15
C HIS A 180 -19.64 -14.27 8.65
N THR A 181 -18.34 -13.97 8.70
CA THR A 181 -17.72 -12.62 8.83
C THR A 181 -16.99 -12.26 7.52
N SER A 182 -16.68 -13.25 6.66
CA SER A 182 -16.10 -13.07 5.32
C SER A 182 -16.82 -13.96 4.30
N ASN A 183 -16.84 -13.56 3.03
CA ASN A 183 -17.63 -14.20 1.95
C ASN A 183 -17.03 -13.82 0.59
N LEU A 184 -15.75 -14.12 0.37
CA LEU A 184 -14.97 -13.63 -0.81
C LEU A 184 -15.37 -14.39 -2.08
N ASN A 185 -16.07 -15.52 -1.96
CA ASN A 185 -16.62 -16.29 -3.10
C ASN A 185 -18.10 -15.95 -3.32
N GLY A 186 -18.56 -14.81 -2.77
CA GLY A 186 -19.95 -14.33 -2.92
C GLY A 186 -20.18 -13.72 -4.29
N GLN A 187 -21.40 -13.23 -4.54
CA GLN A 187 -21.80 -12.60 -5.83
C GLN A 187 -21.00 -11.30 -6.01
N TYR A 188 -20.63 -10.98 -7.26
CA TYR A 188 -19.91 -9.73 -7.62
C TYR A 188 -20.95 -8.61 -7.82
N LEU A 189 -21.43 -8.04 -6.71
CA LEU A 189 -22.56 -7.06 -6.69
C LEU A 189 -22.05 -5.63 -6.88
N ARG A 190 -20.73 -5.42 -6.90
CA ARG A 190 -20.07 -4.13 -7.26
C ARG A 190 -20.42 -3.05 -6.22
N GLY A 191 -19.68 -3.03 -5.10
CA GLY A 191 -19.78 -1.98 -4.06
C GLY A 191 -20.99 -2.16 -3.16
N ALA A 192 -21.58 -1.05 -2.69
CA ALA A 192 -22.75 -1.03 -1.78
C ALA A 192 -23.93 -1.73 -2.44
N HIS A 193 -24.66 -2.55 -1.68
CA HIS A 193 -25.85 -3.32 -2.15
C HIS A 193 -26.87 -3.44 -1.02
N ALA A 194 -28.17 -3.48 -1.38
CA ALA A 194 -29.32 -3.54 -0.45
C ALA A 194 -29.41 -4.92 0.20
N SER A 195 -29.12 -5.98 -0.56
CA SER A 195 -29.13 -7.39 -0.09
C SER A 195 -28.12 -7.56 1.05
N TYR A 196 -28.39 -8.47 1.99
CA TYR A 196 -27.58 -8.67 3.21
C TYR A 196 -26.51 -9.75 2.98
N ALA A 197 -25.24 -9.34 2.97
CA ALA A 197 -24.03 -10.18 3.18
C ALA A 197 -23.92 -11.29 2.13
N ASP A 198 -24.38 -11.05 0.90
CA ASP A 198 -24.36 -12.05 -0.21
C ASP A 198 -23.43 -11.57 -1.33
N GLY A 199 -22.55 -10.61 -1.05
CA GLY A 199 -21.54 -10.10 -2.00
C GLY A 199 -20.16 -10.60 -1.65
N VAL A 200 -19.11 -10.02 -2.28
CA VAL A 200 -17.68 -10.29 -1.95
C VAL A 200 -17.35 -9.52 -0.67
N GLU A 201 -17.74 -10.06 0.49
CA GLU A 201 -17.73 -9.36 1.80
C GLU A 201 -16.45 -9.67 2.58
N TRP A 202 -15.81 -8.64 3.13
CA TRP A 202 -14.82 -8.73 4.24
C TRP A 202 -15.26 -7.75 5.34
N SER A 203 -16.10 -8.24 6.27
CA SER A 203 -16.94 -7.44 7.19
C SER A 203 -16.09 -6.47 8.03
N SER A 204 -14.91 -6.89 8.48
CA SER A 204 -14.02 -6.12 9.38
C SER A 204 -13.55 -4.82 8.69
N TRP A 205 -13.50 -4.80 7.36
CA TRP A 205 -13.03 -3.64 6.55
C TRP A 205 -14.23 -2.81 6.05
N THR A 206 -15.15 -3.45 5.31
CA THR A 206 -16.21 -2.78 4.52
C THR A 206 -17.61 -3.29 4.89
N GLY A 207 -17.76 -4.00 6.01
CA GLY A 207 -19.08 -4.40 6.57
C GLY A 207 -19.75 -5.51 5.77
N TRP A 208 -21.05 -5.69 5.97
CA TRP A 208 -21.86 -6.84 5.46
C TRP A 208 -22.70 -6.44 4.24
N GLN A 209 -22.55 -5.21 3.73
CA GLN A 209 -23.34 -4.73 2.56
C GLN A 209 -22.42 -3.91 1.63
N TYR A 210 -21.20 -4.40 1.38
CA TYR A 210 -20.26 -3.84 0.38
C TYR A 210 -19.49 -4.98 -0.29
N SER A 211 -19.77 -5.23 -1.56
CA SER A 211 -19.10 -6.25 -2.41
C SER A 211 -17.82 -5.65 -3.01
N LEU A 212 -16.66 -6.18 -2.61
CA LEU A 212 -15.33 -5.63 -2.95
C LEU A 212 -15.07 -5.75 -4.46
N LYS A 213 -14.18 -4.92 -4.98
CA LYS A 213 -13.78 -4.87 -6.41
C LYS A 213 -12.81 -6.03 -6.71
N PHE A 214 -11.84 -6.24 -5.81
CA PHE A 214 -10.72 -7.19 -6.00
C PHE A 214 -10.46 -7.95 -4.70
N SER A 215 -10.29 -9.26 -4.80
CA SER A 215 -9.78 -10.15 -3.72
C SER A 215 -8.73 -11.08 -4.33
N GLU A 216 -7.70 -11.40 -3.54
CA GLU A 216 -6.68 -12.42 -3.91
C GLU A 216 -6.25 -13.13 -2.63
N MET A 217 -6.46 -14.44 -2.58
CA MET A 217 -6.04 -15.33 -1.46
C MET A 217 -4.87 -16.18 -1.95
N LYS A 218 -3.75 -16.17 -1.21
CA LYS A 218 -2.49 -16.83 -1.62
C LYS A 218 -1.72 -17.31 -0.39
N ILE A 219 -0.85 -18.31 -0.60
CA ILE A 219 -0.14 -19.03 0.50
C ILE A 219 1.36 -19.05 0.20
N ARG A 220 2.16 -19.06 1.26
CA ARG A 220 3.65 -19.19 1.20
C ARG A 220 4.09 -19.96 2.44
N PRO A 221 5.07 -20.89 2.34
CA PRO A 221 5.62 -21.56 3.52
C PRO A 221 6.23 -20.54 4.50
N VAL A 222 6.05 -20.78 5.80
CA VAL A 222 6.62 -19.95 6.90
C VAL A 222 8.04 -20.45 7.20
N ARG B 5 27.65 36.00 1.71
CA ARG B 5 26.27 35.67 1.26
C ARG B 5 26.21 34.20 0.83
N PRO B 6 26.03 33.25 1.77
CA PRO B 6 25.86 31.84 1.42
C PRO B 6 24.54 31.64 0.65
N ARG B 7 24.56 30.82 -0.42
CA ARG B 7 23.40 30.59 -1.31
C ARG B 7 22.50 29.49 -0.73
N ASP B 8 23.03 28.68 0.18
CA ASP B 8 22.30 27.54 0.82
C ASP B 8 23.07 27.09 2.07
N CYS B 9 22.56 26.06 2.75
CA CYS B 9 23.12 25.52 4.02
C CYS B 9 24.50 24.88 3.80
N LEU B 10 24.83 24.46 2.57
CA LEU B 10 26.18 23.91 2.27
C LEU B 10 27.20 25.04 2.37
N ASP B 11 26.94 26.18 1.73
CA ASP B 11 27.78 27.41 1.84
C ASP B 11 27.95 27.77 3.31
N VAL B 12 26.87 27.71 4.10
CA VAL B 12 26.87 28.01 5.56
C VAL B 12 27.84 27.05 6.26
N LEU B 13 27.72 25.74 6.00
CA LEU B 13 28.57 24.70 6.61
C LEU B 13 30.05 24.95 6.28
N LEU B 14 30.36 25.14 4.99
CA LEU B 14 31.75 25.28 4.48
C LEU B 14 32.39 26.58 5.02
N SER B 15 31.57 27.57 5.39
CA SER B 15 32.01 28.85 6.00
C SER B 15 32.50 28.64 7.45
N GLY B 16 32.15 27.49 8.06
CA GLY B 16 32.63 27.09 9.40
C GLY B 16 31.51 26.96 10.43
N GLN B 17 30.25 27.15 10.03
CA GLN B 17 29.06 27.00 10.91
C GLN B 17 28.64 25.52 10.93
N GLN B 18 28.94 24.81 12.01
CA GLN B 18 28.80 23.33 12.11
C GLN B 18 27.55 22.93 12.90
N ASP B 19 26.89 23.88 13.57
CA ASP B 19 25.70 23.61 14.42
C ASP B 19 24.43 23.59 13.56
N ASP B 20 23.54 22.62 13.81
CA ASP B 20 22.13 22.62 13.33
C ASP B 20 21.46 23.90 13.81
N GLY B 21 20.54 24.47 13.01
CA GLY B 21 19.74 25.63 13.41
C GLY B 21 19.38 26.51 12.24
N VAL B 22 18.92 27.73 12.54
CA VAL B 22 18.36 28.70 11.56
C VAL B 22 19.48 29.63 11.09
N TYR B 23 19.64 29.76 9.76
CA TYR B 23 20.66 30.61 9.10
C TYR B 23 20.03 31.37 7.93
N SER B 24 20.59 32.53 7.62
CA SER B 24 20.26 33.37 6.43
C SER B 24 20.95 32.79 5.19
N VAL B 25 20.19 32.59 4.10
CA VAL B 25 20.73 32.17 2.78
C VAL B 25 20.22 33.14 1.72
N PHE B 26 20.94 33.25 0.61
CA PHE B 26 20.74 34.28 -0.45
C PHE B 26 20.82 33.61 -1.82
N PRO B 27 19.74 32.96 -2.28
CA PRO B 27 19.72 32.34 -3.61
C PRO B 27 20.01 33.35 -4.73
N THR B 28 20.54 32.87 -5.86
CA THR B 28 20.97 33.68 -7.02
C THR B 28 19.88 34.68 -7.43
N HIS B 29 18.63 34.21 -7.59
CA HIS B 29 17.50 35.03 -8.12
C HIS B 29 16.52 35.41 -6.99
N TYR B 30 16.97 35.30 -5.74
CA TYR B 30 16.24 35.76 -4.52
C TYR B 30 17.23 36.54 -3.66
N PRO B 31 17.77 37.68 -4.16
CA PRO B 31 18.88 38.37 -3.51
C PRO B 31 18.55 38.91 -2.11
N ALA B 32 17.29 39.25 -1.84
CA ALA B 32 16.78 39.64 -0.50
C ALA B 32 17.13 38.53 0.51
N GLY B 33 17.09 37.27 0.05
CA GLY B 33 17.39 36.08 0.87
C GLY B 33 16.28 35.81 1.87
N PHE B 34 16.48 34.81 2.73
CA PHE B 34 15.50 34.39 3.75
C PHE B 34 16.19 33.40 4.70
N GLN B 35 15.53 33.09 5.82
CA GLN B 35 16.06 32.17 6.84
C GLN B 35 15.52 30.77 6.57
N VAL B 36 16.36 29.76 6.81
CA VAL B 36 16.05 28.31 6.65
C VAL B 36 16.60 27.58 7.87
N TYR B 37 16.11 26.37 8.14
CA TYR B 37 16.76 25.43 9.09
C TYR B 37 17.80 24.60 8.32
N CYS B 38 19.04 24.60 8.80
CA CYS B 38 20.18 23.84 8.21
C CYS B 38 20.43 22.58 9.05
N ASP B 39 20.45 21.42 8.39
CA ASP B 39 20.87 20.12 8.97
C ASP B 39 22.36 19.92 8.65
N MET B 40 23.21 20.06 9.66
CA MET B 40 24.69 20.05 9.52
C MET B 40 25.28 18.70 9.97
N ARG B 41 24.45 17.66 10.09
CA ARG B 41 24.85 16.33 10.63
C ARG B 41 24.65 15.22 9.58
N THR B 42 23.50 15.18 8.91
CA THR B 42 23.11 14.11 7.95
C THR B 42 24.16 14.02 6.83
N ASP B 43 24.80 12.86 6.69
CA ASP B 43 25.78 12.51 5.62
C ASP B 43 26.77 13.65 5.41
N GLY B 44 27.35 14.19 6.49
CA GLY B 44 28.38 15.24 6.44
C GLY B 44 27.82 16.64 6.56
N GLY B 45 26.50 16.80 6.42
CA GLY B 45 25.77 18.06 6.67
C GLY B 45 25.67 18.93 5.42
N GLY B 46 25.10 20.14 5.59
CA GLY B 46 24.93 21.14 4.52
C GLY B 46 23.57 21.02 3.83
N TRP B 47 22.57 20.46 4.53
CA TRP B 47 21.20 20.23 3.98
C TRP B 47 20.29 21.41 4.35
N THR B 48 19.58 21.96 3.36
CA THR B 48 18.55 23.03 3.53
C THR B 48 17.18 22.36 3.66
N VAL B 49 16.56 22.45 4.83
CA VAL B 49 15.21 21.87 5.12
C VAL B 49 14.16 22.75 4.43
N PHE B 50 13.16 22.14 3.79
CA PHE B 50 11.98 22.86 3.23
C PHE B 50 10.66 22.26 3.73
N GLN B 51 10.68 21.12 4.44
CA GLN B 51 9.47 20.49 5.02
C GLN B 51 9.84 19.76 6.32
N ARG B 52 9.02 19.89 7.36
CA ARG B 52 9.12 19.09 8.60
C ARG B 52 7.72 18.81 9.18
N ARG B 53 7.47 17.55 9.50
CA ARG B 53 6.36 17.08 10.40
C ARG B 53 7.01 16.44 11.62
N GLU B 54 6.41 16.60 12.81
CA GLU B 54 6.98 16.01 14.06
C GLU B 54 5.94 15.86 15.18
N ASP B 55 4.82 16.59 15.17
CA ASP B 55 3.88 16.59 16.32
C ASP B 55 2.43 16.92 15.94
N GLY B 56 2.14 17.30 14.69
CA GLY B 56 0.78 17.64 14.23
C GLY B 56 0.29 18.98 14.76
N SER B 57 1.22 19.87 15.17
CA SER B 57 0.93 21.19 15.77
C SER B 57 0.46 22.18 14.69
N VAL B 58 0.88 21.98 13.44
CA VAL B 58 0.64 22.92 12.30
C VAL B 58 -0.34 22.29 11.31
N ASN B 59 -1.31 23.08 10.83
CA ASN B 59 -2.29 22.67 9.79
C ASN B 59 -1.59 22.69 8.42
N PHE B 60 -1.50 21.53 7.77
CA PHE B 60 -0.87 21.35 6.44
C PHE B 60 -1.93 21.26 5.34
N PHE B 61 -3.22 21.22 5.69
CA PHE B 61 -4.34 21.22 4.72
C PHE B 61 -4.62 22.67 4.31
N ARG B 62 -3.64 23.27 3.62
CA ARG B 62 -3.60 24.72 3.26
C ARG B 62 -3.79 24.86 1.76
N GLY B 63 -4.14 26.08 1.31
CA GLY B 63 -4.44 26.40 -0.10
C GLY B 63 -3.17 26.75 -0.88
N TRP B 64 -3.35 27.14 -2.14
CA TRP B 64 -2.26 27.41 -3.12
C TRP B 64 -1.32 28.50 -2.59
N ASP B 65 -1.87 29.62 -2.13
CA ASP B 65 -1.09 30.81 -1.67
C ASP B 65 -0.14 30.40 -0.53
N ALA B 66 -0.65 29.61 0.43
CA ALA B 66 0.11 29.13 1.61
C ALA B 66 1.28 28.25 1.15
N TYR B 67 1.04 27.33 0.21
CA TYR B 67 2.08 26.39 -0.29
C TYR B 67 3.08 27.13 -1.20
N ARG B 68 2.67 28.25 -1.79
CA ARG B 68 3.59 29.13 -2.56
C ARG B 68 4.49 29.91 -1.59
N ASP B 69 3.90 30.55 -0.57
CA ASP B 69 4.58 31.54 0.31
C ASP B 69 5.16 30.88 1.56
N GLY B 70 4.71 29.66 1.89
CA GLY B 70 5.20 28.89 3.05
C GLY B 70 4.41 29.19 4.31
N PHE B 71 4.53 28.32 5.32
CA PHE B 71 3.79 28.43 6.60
C PHE B 71 4.53 27.64 7.69
N GLY B 72 4.10 27.82 8.95
CA GLY B 72 4.71 27.19 10.13
C GLY B 72 5.95 27.95 10.57
N ARG B 73 6.79 27.32 11.40
CA ARG B 73 8.01 27.95 11.99
C ARG B 73 9.22 27.04 11.70
N LEU B 74 10.36 27.66 11.42
CA LEU B 74 11.61 26.98 10.95
C LEU B 74 12.13 26.03 12.04
N THR B 75 11.86 26.31 13.32
CA THR B 75 12.31 25.51 14.49
C THR B 75 11.34 24.36 14.77
N GLY B 76 10.21 24.30 14.06
CA GLY B 76 9.20 23.23 14.23
C GLY B 76 8.65 22.74 12.91
N GLU B 77 7.37 22.38 12.88
CA GLU B 77 6.66 21.96 11.65
C GLU B 77 6.55 23.17 10.72
N HIS B 78 6.92 23.00 9.45
CA HIS B 78 6.84 24.11 8.45
C HIS B 78 6.89 23.57 7.02
N TRP B 79 6.45 24.42 6.10
CA TRP B 79 6.66 24.32 4.64
C TRP B 79 7.33 25.63 4.20
N LEU B 80 8.53 25.55 3.62
CA LEU B 80 9.37 26.75 3.32
C LEU B 80 8.70 27.61 2.25
N GLY B 81 7.89 27.00 1.38
CA GLY B 81 7.17 27.69 0.29
C GLY B 81 7.80 27.39 -1.06
N LEU B 82 6.98 27.06 -2.06
CA LEU B 82 7.44 26.60 -3.40
C LEU B 82 8.25 27.70 -4.10
N LYS B 83 7.97 28.97 -3.84
CA LYS B 83 8.72 30.11 -4.44
C LYS B 83 10.17 30.08 -3.96
N ARG B 84 10.39 29.73 -2.68
CA ARG B 84 11.75 29.64 -2.07
C ARG B 84 12.43 28.34 -2.55
N ILE B 85 11.67 27.24 -2.62
CA ILE B 85 12.20 25.91 -3.06
C ILE B 85 12.61 26.03 -4.54
N HIS B 86 11.84 26.77 -5.35
CA HIS B 86 12.17 27.11 -6.76
C HIS B 86 13.49 27.89 -6.81
N ALA B 87 13.59 28.98 -6.06
CA ALA B 87 14.77 29.87 -5.98
C ALA B 87 16.02 29.06 -5.63
N LEU B 88 15.90 28.10 -4.70
CA LEU B 88 17.03 27.25 -4.24
C LEU B 88 17.41 26.26 -5.35
N THR B 89 16.46 25.51 -5.88
CA THR B 89 16.73 24.31 -6.74
C THR B 89 17.09 24.71 -8.18
N THR B 90 16.91 25.98 -8.59
CA THR B 90 17.24 26.48 -9.94
C THR B 90 18.66 27.08 -10.00
N GLN B 91 19.28 27.38 -8.85
CA GLN B 91 20.60 28.07 -8.79
C GLN B 91 21.74 27.06 -8.94
N ALA B 92 21.49 25.77 -8.74
CA ALA B 92 22.46 24.67 -8.93
C ALA B 92 21.71 23.34 -9.04
N ALA B 93 22.44 22.24 -9.25
CA ALA B 93 21.92 20.86 -9.27
C ALA B 93 21.89 20.34 -7.83
N TYR B 94 20.69 20.07 -7.30
CA TYR B 94 20.47 19.64 -5.89
C TYR B 94 20.01 18.19 -5.86
N GLU B 95 20.39 17.48 -4.79
CA GLU B 95 19.85 16.16 -4.39
C GLU B 95 18.85 16.38 -3.27
N LEU B 96 17.85 15.50 -3.17
CA LEU B 96 16.80 15.52 -2.11
C LEU B 96 17.07 14.37 -1.14
N HIS B 97 17.05 14.66 0.16
CA HIS B 97 17.07 13.66 1.27
C HIS B 97 15.75 13.76 2.03
N VAL B 98 15.06 12.63 2.20
CA VAL B 98 13.81 12.52 3.00
C VAL B 98 14.11 11.61 4.20
N ASP B 99 14.05 12.17 5.42
CA ASP B 99 14.16 11.41 6.69
C ASP B 99 12.74 11.11 7.19
N LEU B 100 12.49 9.86 7.59
CA LEU B 100 11.17 9.39 8.07
C LEU B 100 11.35 8.63 9.41
N GLU B 101 10.36 8.73 10.29
CA GLU B 101 10.30 7.96 11.56
C GLU B 101 8.85 7.54 11.83
N ASP B 102 8.66 6.31 12.29
CA ASP B 102 7.35 5.77 12.76
C ASP B 102 7.24 6.04 14.26
N PHE B 103 6.19 5.54 14.90
CA PHE B 103 5.89 5.75 16.36
C PHE B 103 6.47 4.60 17.19
N GLU B 104 7.37 3.79 16.62
CA GLU B 104 7.99 2.60 17.29
C GLU B 104 9.51 2.68 17.18
N ASN B 105 10.07 3.89 17.23
CA ASN B 105 11.54 4.17 17.21
C ASN B 105 12.18 3.65 15.92
N GLY B 106 11.38 3.44 14.86
CA GLY B 106 11.85 3.04 13.53
C GLY B 106 12.21 4.26 12.69
N THR B 107 13.33 4.20 11.97
CA THR B 107 13.83 5.29 11.08
C THR B 107 14.19 4.72 9.71
N ALA B 108 13.97 5.51 8.65
CA ALA B 108 14.34 5.20 7.25
C ALA B 108 14.58 6.52 6.51
N TYR B 109 15.22 6.46 5.34
CA TYR B 109 15.47 7.63 4.46
C TYR B 109 15.32 7.23 2.99
N ALA B 110 15.03 8.23 2.15
CA ALA B 110 15.05 8.14 0.67
C ALA B 110 15.94 9.28 0.15
N ARG B 111 16.93 8.94 -0.68
CA ARG B 111 17.83 9.92 -1.34
C ARG B 111 17.51 9.93 -2.84
N TYR B 112 17.43 11.13 -3.42
CA TYR B 112 17.22 11.35 -4.88
C TYR B 112 18.36 12.24 -5.39
N GLY B 113 19.18 11.69 -6.30
CA GLY B 113 20.39 12.35 -6.84
C GLY B 113 20.07 13.63 -7.60
N SER B 114 18.84 13.75 -8.11
CA SER B 114 18.32 14.95 -8.83
C SER B 114 16.97 15.36 -8.23
N PHE B 115 16.79 16.65 -7.94
CA PHE B 115 15.53 17.22 -7.42
C PHE B 115 15.44 18.70 -7.78
N GLY B 116 14.24 19.14 -8.23
CA GLY B 116 13.92 20.54 -8.50
C GLY B 116 12.43 20.76 -8.66
N VAL B 117 11.96 22.00 -8.53
CA VAL B 117 10.55 22.41 -8.79
C VAL B 117 10.58 23.58 -9.79
N GLY B 118 9.79 23.46 -10.87
CA GLY B 118 9.65 24.47 -11.95
C GLY B 118 10.99 24.87 -12.55
N LEU B 119 11.89 23.91 -12.75
CA LEU B 119 13.34 24.15 -13.04
C LEU B 119 13.53 25.05 -14.27
N PHE B 120 12.75 24.86 -15.34
CA PHE B 120 12.90 25.61 -16.63
C PHE B 120 11.64 26.42 -16.94
N SER B 121 10.70 26.50 -16.00
CA SER B 121 9.43 27.27 -16.14
C SER B 121 9.75 28.77 -16.18
N VAL B 122 9.24 29.50 -17.19
CA VAL B 122 9.36 30.97 -17.28
C VAL B 122 8.52 31.59 -16.16
N ASP B 123 7.33 31.03 -15.92
CA ASP B 123 6.44 31.38 -14.77
C ASP B 123 6.19 30.11 -13.97
N PRO B 124 7.06 29.78 -12.97
CA PRO B 124 6.95 28.52 -12.24
C PRO B 124 5.61 28.38 -11.48
N GLU B 125 5.04 29.49 -11.00
CA GLU B 125 3.74 29.48 -10.28
C GLU B 125 2.63 29.04 -11.24
N GLU B 126 2.51 29.70 -12.40
CA GLU B 126 1.49 29.37 -13.43
C GLU B 126 1.67 27.92 -13.87
N ASP B 127 2.94 27.48 -14.00
CA ASP B 127 3.31 26.13 -14.50
C ASP B 127 3.08 25.09 -13.38
N GLY B 128 2.78 25.55 -12.16
CA GLY B 128 2.39 24.69 -11.02
C GLY B 128 3.59 24.03 -10.34
N TYR B 129 4.76 24.69 -10.39
CA TYR B 129 6.02 24.24 -9.74
C TYR B 129 6.22 22.74 -9.99
N PRO B 130 6.29 22.29 -11.26
CA PRO B 130 6.37 20.86 -11.57
C PRO B 130 7.62 20.20 -10.99
N LEU B 131 7.46 18.96 -10.50
CA LEU B 131 8.53 18.19 -9.80
C LEU B 131 9.51 17.60 -10.82
N THR B 132 10.80 17.82 -10.60
CA THR B 132 11.92 17.03 -11.19
C THR B 132 12.52 16.16 -10.08
N VAL B 133 12.53 14.84 -10.25
CA VAL B 133 13.13 13.89 -9.26
C VAL B 133 13.58 12.64 -10.01
N ALA B 134 14.78 12.13 -9.67
CA ALA B 134 15.41 10.97 -10.33
C ALA B 134 16.53 10.41 -9.43
N ASP B 135 16.98 9.18 -9.74
CA ASP B 135 18.18 8.53 -9.17
C ASP B 135 17.95 8.26 -7.69
N TYR B 136 17.06 7.31 -7.36
CA TYR B 136 16.68 6.94 -5.98
C TYR B 136 17.71 5.97 -5.38
N SER B 137 17.99 6.14 -4.08
CA SER B 137 18.67 5.16 -3.19
C SER B 137 18.19 5.41 -1.76
N GLY B 138 18.05 4.36 -0.94
CA GLY B 138 17.67 4.50 0.47
C GLY B 138 17.10 3.23 1.09
N THR B 139 16.56 3.37 2.30
CA THR B 139 16.04 2.27 3.17
C THR B 139 14.51 2.38 3.30
N ALA B 140 13.91 3.49 2.88
CA ALA B 140 12.45 3.77 3.00
C ALA B 140 11.71 3.24 1.77
N GLY B 141 12.43 2.84 0.72
CA GLY B 141 11.86 2.54 -0.61
C GLY B 141 11.55 3.81 -1.37
N ASP B 142 11.36 3.71 -2.69
CA ASP B 142 10.98 4.86 -3.54
C ASP B 142 9.46 5.05 -3.50
N SER B 143 8.99 6.24 -3.10
CA SER B 143 7.57 6.64 -3.12
C SER B 143 7.40 8.00 -3.81
N LEU B 144 8.38 8.46 -4.61
CA LEU B 144 8.37 9.83 -5.20
C LEU B 144 8.57 9.82 -6.72
N LEU B 145 9.30 8.85 -7.31
CA LEU B 145 9.65 8.87 -8.76
C LEU B 145 8.38 8.87 -9.62
N LYS B 146 7.31 8.22 -9.18
CA LYS B 146 6.01 8.17 -9.91
C LYS B 146 5.41 9.58 -10.00
N HIS B 147 5.80 10.49 -9.11
CA HIS B 147 5.32 11.90 -9.07
C HIS B 147 6.15 12.81 -10.00
N SER B 148 7.23 12.29 -10.60
CA SER B 148 8.13 13.07 -11.49
C SER B 148 7.34 13.66 -12.65
N GLY B 149 7.49 14.96 -12.90
CA GLY B 149 6.84 15.70 -14.01
C GLY B 149 5.47 16.23 -13.65
N MET B 150 4.92 15.86 -12.48
CA MET B 150 3.57 16.30 -12.02
C MET B 150 3.67 17.72 -11.45
N ARG B 151 2.64 18.53 -11.71
CA ARG B 151 2.46 19.88 -11.11
C ARG B 151 2.02 19.71 -9.65
N PHE B 152 2.23 20.73 -8.82
CA PHE B 152 1.78 20.76 -7.41
C PHE B 152 0.28 21.05 -7.39
N THR B 153 -0.49 20.27 -6.62
CA THR B 153 -1.96 20.37 -6.50
C THR B 153 -2.33 20.64 -5.03
N THR B 154 -3.22 21.61 -4.81
CA THR B 154 -3.82 21.95 -3.49
C THR B 154 -5.34 21.79 -3.59
N LYS B 155 -6.02 21.83 -2.44
CA LYS B 155 -7.49 21.69 -2.31
C LYS B 155 -8.21 22.71 -3.21
N ASP B 156 -7.56 23.83 -3.55
CA ASP B 156 -8.16 24.97 -4.30
C ASP B 156 -7.48 25.18 -5.67
N ARG B 157 -6.60 24.28 -6.11
CA ARG B 157 -5.94 24.35 -7.45
C ARG B 157 -5.57 22.94 -7.93
N ASP B 158 -6.37 22.41 -8.86
CA ASP B 158 -6.29 21.00 -9.35
C ASP B 158 -5.46 20.97 -10.64
N SER B 159 -4.29 20.33 -10.61
CA SER B 159 -3.40 20.09 -11.77
C SER B 159 -2.95 18.62 -11.83
N ASP B 160 -3.69 17.73 -11.17
CA ASP B 160 -3.35 16.28 -11.07
C ASP B 160 -3.98 15.54 -12.26
N HIS B 161 -3.75 14.22 -12.35
CA HIS B 161 -4.22 13.34 -13.45
C HIS B 161 -5.41 12.49 -12.98
N SER B 162 -6.13 12.96 -11.95
CA SER B 162 -7.33 12.31 -11.37
C SER B 162 -8.60 13.06 -11.79
N GLU B 163 -9.72 12.36 -11.89
CA GLU B 163 -11.07 12.96 -12.12
C GLU B 163 -11.49 13.74 -10.88
N ASN B 164 -10.98 13.37 -9.70
CA ASN B 164 -11.18 14.08 -8.41
C ASN B 164 -10.05 15.11 -8.21
N ASN B 165 -10.09 15.86 -7.11
CA ASN B 165 -8.95 16.65 -6.58
C ASN B 165 -8.24 15.80 -5.54
N CYS B 166 -7.05 15.29 -5.86
CA CYS B 166 -6.24 14.36 -5.01
C CYS B 166 -5.93 15.00 -3.66
N ALA B 167 -5.62 16.31 -3.65
CA ALA B 167 -5.29 17.11 -2.45
C ALA B 167 -6.47 17.08 -1.47
N ALA B 168 -7.68 17.36 -1.96
CA ALA B 168 -8.94 17.34 -1.18
C ALA B 168 -9.23 15.92 -0.68
N PHE B 169 -9.12 14.93 -1.55
CA PHE B 169 -9.50 13.51 -1.29
C PHE B 169 -8.58 12.91 -0.22
N TYR B 170 -7.26 13.13 -0.35
CA TYR B 170 -6.22 12.56 0.55
C TYR B 170 -5.71 13.65 1.52
N ARG B 171 -6.48 14.74 1.66
CA ARG B 171 -6.33 15.77 2.73
C ARG B 171 -4.85 16.17 2.87
N GLY B 172 -4.25 16.65 1.78
CA GLY B 172 -2.87 17.13 1.76
C GLY B 172 -2.62 18.11 0.63
N ALA B 173 -1.38 18.19 0.17
CA ALA B 173 -0.92 19.02 -0.97
C ALA B 173 0.42 18.44 -1.44
N TRP B 174 0.54 18.16 -2.75
CA TRP B 174 1.62 17.30 -3.29
C TRP B 174 1.62 17.39 -4.82
N TRP B 175 2.67 16.87 -5.45
CA TRP B 175 2.77 16.73 -6.92
C TRP B 175 1.98 15.49 -7.34
N TYR B 176 0.67 15.50 -7.07
CA TYR B 176 -0.24 14.33 -7.21
C TYR B 176 -0.34 13.92 -8.69
N ARG B 177 -0.41 12.61 -8.93
CA ARG B 177 -0.72 12.03 -10.27
C ARG B 177 -2.16 11.50 -10.23
N ASN B 178 -2.38 10.28 -9.73
CA ASN B 178 -3.72 9.62 -9.70
C ASN B 178 -3.70 8.45 -8.72
N CYS B 179 -3.49 8.71 -7.43
CA CYS B 179 -3.22 10.03 -6.88
C CYS B 179 -1.78 10.12 -6.37
N HIS B 180 -1.35 9.18 -5.52
CA HIS B 180 -0.01 9.25 -4.87
C HIS B 180 0.51 7.89 -4.39
N THR B 181 1.84 7.84 -4.18
CA THR B 181 2.60 6.81 -3.42
C THR B 181 3.17 7.45 -2.13
N SER B 182 3.31 8.78 -2.09
CA SER B 182 3.76 9.55 -0.90
C SER B 182 2.83 10.75 -0.66
N ASN B 183 2.68 11.17 0.60
CA ASN B 183 1.69 12.20 1.04
C ASN B 183 2.16 12.84 2.34
N LEU B 184 3.40 13.37 2.36
CA LEU B 184 4.07 13.83 3.61
C LEU B 184 3.45 15.14 4.12
N ASN B 185 2.63 15.81 3.30
CA ASN B 185 1.85 17.03 3.69
C ASN B 185 0.42 16.65 4.08
N GLY B 186 0.15 15.35 4.30
CA GLY B 186 -1.18 14.84 4.68
C GLY B 186 -1.52 15.16 6.14
N GLN B 187 -2.67 14.66 6.62
CA GLN B 187 -3.14 14.86 8.02
C GLN B 187 -2.24 14.09 8.98
N TYR B 188 -1.94 14.68 10.14
CA TYR B 188 -1.16 14.03 11.22
C TYR B 188 -2.12 13.13 12.03
N LEU B 189 -2.33 11.91 11.55
CA LEU B 189 -3.33 10.94 12.10
C LEU B 189 -2.69 10.03 13.14
N ARG B 190 -1.36 10.12 13.32
CA ARG B 190 -0.60 9.49 14.44
C ARG B 190 -0.65 7.96 14.34
N GLY B 191 0.14 7.38 13.42
CA GLY B 191 0.34 5.92 13.30
C GLY B 191 -0.77 5.26 12.52
N ALA B 192 -1.19 4.05 12.94
CA ALA B 192 -2.22 3.22 12.28
C ALA B 192 -3.57 3.95 12.31
N HIS B 193 -4.24 4.04 11.15
CA HIS B 193 -5.58 4.68 10.99
C HIS B 193 -6.42 3.88 10.00
N ALA B 194 -7.74 3.87 10.18
CA ALA B 194 -8.74 3.12 9.37
C ALA B 194 -8.83 3.72 7.96
N SER B 195 -8.90 5.05 7.85
CA SER B 195 -8.98 5.81 6.57
C SER B 195 -7.82 5.41 5.66
N TYR B 196 -8.02 5.51 4.34
CA TYR B 196 -7.04 5.06 3.30
C TYR B 196 -6.18 6.24 2.83
N ALA B 197 -4.89 6.20 3.18
CA ALA B 197 -3.78 6.96 2.54
C ALA B 197 -4.01 8.48 2.60
N ASP B 198 -4.67 8.98 3.66
CA ASP B 198 -4.96 10.43 3.83
C ASP B 198 -4.14 11.00 5.01
N GLY B 199 -3.14 10.25 5.48
CA GLY B 199 -2.21 10.69 6.54
C GLY B 199 -0.87 11.10 5.98
N VAL B 200 0.16 11.16 6.84
CA VAL B 200 1.58 11.41 6.46
C VAL B 200 2.16 10.09 5.96
N GLU B 201 1.89 9.74 4.69
CA GLU B 201 2.14 8.39 4.11
C GLU B 201 3.44 8.40 3.30
N TRP B 202 4.25 7.35 3.48
CA TRP B 202 5.33 6.93 2.56
C TRP B 202 5.12 5.44 2.25
N SER B 203 4.31 5.15 1.22
CA SER B 203 3.66 3.83 0.98
C SER B 203 4.70 2.69 0.92
N SER B 204 5.86 2.94 0.31
CA SER B 204 6.95 1.94 0.10
C SER B 204 7.49 1.44 1.45
N TRP B 205 7.39 2.23 2.51
CA TRP B 205 7.91 1.88 3.86
C TRP B 205 6.80 1.34 4.76
N THR B 206 5.84 2.21 5.15
CA THR B 206 4.85 1.94 6.23
C THR B 206 3.43 1.73 5.65
N GLY B 207 3.29 1.70 4.31
CA GLY B 207 2.04 1.31 3.64
C GLY B 207 1.05 2.45 3.53
N TRP B 208 -0.24 2.12 3.36
CA TRP B 208 -1.32 3.06 2.97
C TRP B 208 -2.18 3.49 4.17
N GLN B 209 -2.03 2.82 5.32
CA GLN B 209 -2.86 3.08 6.54
C GLN B 209 -1.95 3.32 7.75
N TYR B 210 -0.87 4.10 7.57
CA TYR B 210 0.06 4.49 8.67
C TYR B 210 0.57 5.92 8.43
N SER B 211 0.17 6.85 9.30
CA SER B 211 0.61 8.27 9.33
C SER B 211 1.88 8.37 10.18
N LEU B 212 3.00 8.78 9.57
CA LEU B 212 4.35 8.78 10.18
C LEU B 212 4.43 9.84 11.28
N LYS B 213 5.33 9.63 12.25
CA LYS B 213 5.57 10.54 13.40
C LYS B 213 6.37 11.75 12.94
N PHE B 214 7.40 11.52 12.11
CA PHE B 214 8.38 12.54 11.69
C PHE B 214 8.69 12.38 10.20
N SER B 215 8.71 13.50 9.47
CA SER B 215 9.26 13.64 8.11
C SER B 215 10.10 14.92 8.04
N GLU B 216 11.20 14.89 7.29
CA GLU B 216 12.02 16.07 6.97
C GLU B 216 12.50 15.94 5.53
N MET B 217 12.16 16.91 4.69
CA MET B 217 12.60 16.99 3.26
C MET B 217 13.64 18.12 3.18
N LYS B 218 14.82 17.81 2.65
CA LYS B 218 15.99 18.72 2.67
C LYS B 218 16.83 18.52 1.40
N ILE B 219 17.53 19.56 0.96
CA ILE B 219 18.28 19.60 -0.33
C ILE B 219 19.74 20.00 -0.09
N ARG B 220 20.64 19.53 -0.94
CA ARG B 220 22.09 19.87 -0.92
C ARG B 220 22.62 19.84 -2.35
N PRO B 221 23.49 20.79 -2.75
CA PRO B 221 24.12 20.75 -4.08
C PRO B 221 24.91 19.46 -4.32
N VAL B 222 24.89 18.96 -5.55
CA VAL B 222 25.63 17.75 -6.01
C VAL B 222 26.85 18.20 -6.81
#